data_8JF3
#
_entry.id   8JF3
#
_cell.length_a   41.716
_cell.length_b   63.427
_cell.length_c   73.649
_cell.angle_alpha   101.214
_cell.angle_beta   91.048
_cell.angle_gamma   90.161
#
_symmetry.space_group_name_H-M   'P 1'
#
loop_
_entity.id
_entity.type
_entity.pdbx_description
1 polymer 'Proto-oncogene tyrosine-protein kinase Src'
2 non-polymer 2-[4-[4-[bis(oxidanylidene)-$l^5-sulfanyl]oxyphenyl]carbonylpiperazin-1-yl]-6-[(5-cyclopropyl-1H-pyrazol-3-yl)amino]-N-prop-2-ynyl-pyrimidine-4-carboxamide
#
_entity_poly.entity_id   1
_entity_poly.type   'polypeptide(L)'
_entity_poly.pdbx_seq_one_letter_code
;QTQGLAKDAWEIPRESLRLEVKLGQGCFGEVWMGTWNGTTRVAIKTLKPGTMSPEAFLQEAQVMKKLRHEKLVQLYAVVS
EEPIYIVTEYMSKGSLLDFLKGETGKYLRLPQLVDMAAQIASGMAYVERMNYVHRDLRAANILVGENLVCKVADFGLARL
IEDNEYTARQGAKFPIKWTAPEAALYGRFTIKSDVWSFGILLTELTTKGRVPYPGMVNREVLDQVERGYRMPCPPECPES
LHDLMCQCWRKEPEERPTFEYLQAFLEDYFTSTEPQYQPGENL
;
_entity_poly.pdbx_strand_id   A,B
#
# COMPACT_ATOMS: atom_id res chain seq x y z
N LYS A 7 2.77 2.35 -43.71
CA LYS A 7 2.76 1.23 -42.77
C LYS A 7 3.88 0.24 -43.10
N ASP A 8 4.09 -0.73 -42.21
CA ASP A 8 5.16 -1.70 -42.38
C ASP A 8 4.68 -3.14 -42.20
N ALA A 9 5.62 -4.04 -41.95
CA ALA A 9 5.31 -5.47 -41.82
C ALA A 9 4.71 -5.79 -40.46
N TRP A 10 4.86 -4.88 -39.50
CA TRP A 10 4.29 -5.07 -38.17
C TRP A 10 2.80 -4.76 -38.16
N GLU A 11 2.31 -4.16 -39.25
CA GLU A 11 0.93 -3.71 -39.34
C GLU A 11 -0.04 -4.87 -39.55
N ILE A 12 -1.15 -4.83 -38.83
CA ILE A 12 -2.23 -5.82 -39.01
C ILE A 12 -3.58 -5.11 -39.09
N PRO A 13 -4.57 -5.76 -39.72
CA PRO A 13 -5.92 -5.17 -39.74
C PRO A 13 -6.51 -5.07 -38.33
N ARG A 14 -7.37 -4.07 -38.12
CA ARG A 14 -7.93 -3.81 -36.79
C ARG A 14 -8.98 -4.84 -36.39
N GLU A 15 -9.42 -5.65 -37.33
CA GLU A 15 -10.45 -6.64 -37.08
C GLU A 15 -9.86 -8.04 -36.89
N SER A 16 -8.57 -8.17 -37.15
CA SER A 16 -7.90 -9.46 -37.02
C SER A 16 -7.83 -9.92 -35.57
N LEU A 17 -7.78 -8.95 -34.66
CA LEU A 17 -7.68 -9.23 -33.23
C LEU A 17 -9.05 -9.08 -32.56
N ARG A 18 -9.45 -10.08 -31.78
CA ARG A 18 -10.74 -10.07 -31.12
C ARG A 18 -10.73 -9.16 -29.89
N VAL A 21 -11.60 -9.22 -22.37
CA VAL A 21 -11.69 -8.98 -20.94
C VAL A 21 -10.67 -7.94 -20.48
N LYS A 22 -11.15 -6.94 -19.75
CA LYS A 22 -10.30 -5.86 -19.26
C LYS A 22 -9.33 -6.34 -18.19
N LEU A 23 -8.21 -5.63 -18.05
CA LEU A 23 -7.20 -5.98 -17.06
C LEU A 23 -6.85 -4.79 -16.18
N GLY A 24 -6.39 -3.70 -16.81
CA GLY A 24 -6.02 -2.51 -16.08
C GLY A 24 -5.77 -1.32 -17.00
N GLU A 30 -4.83 1.25 -20.92
CA GLU A 30 -5.96 0.34 -21.05
C GLU A 30 -5.57 -0.91 -21.83
N VAL A 31 -5.10 -1.93 -21.12
CA VAL A 31 -4.65 -3.16 -21.76
C VAL A 31 -5.62 -4.31 -21.47
N TRP A 32 -6.04 -4.99 -22.54
CA TRP A 32 -7.03 -6.06 -22.45
C TRP A 32 -6.40 -7.41 -22.77
N MET A 33 -6.98 -8.47 -22.23
CA MET A 33 -6.61 -9.83 -22.64
C MET A 33 -7.55 -10.32 -23.72
N GLY A 34 -7.06 -10.36 -24.96
CA GLY A 34 -7.87 -10.78 -26.08
C GLY A 34 -7.34 -12.03 -26.75
N THR A 35 -7.63 -12.17 -28.04
CA THR A 35 -7.15 -13.30 -28.82
C THR A 35 -6.85 -12.86 -30.24
N TRP A 36 -5.65 -13.20 -30.72
CA TRP A 36 -5.24 -12.77 -32.05
C TRP A 36 -5.94 -13.59 -33.13
N ASN A 37 -5.33 -14.70 -33.52
CA ASN A 37 -5.87 -15.52 -34.61
C ASN A 37 -6.57 -16.78 -34.10
N GLY A 38 -7.32 -16.64 -33.01
CA GLY A 38 -8.12 -17.73 -32.47
C GLY A 38 -7.32 -18.85 -31.82
N THR A 39 -6.01 -18.66 -31.74
CA THR A 39 -5.14 -19.68 -31.16
C THR A 39 -3.99 -19.04 -30.37
N THR A 40 -3.93 -17.71 -30.39
CA THR A 40 -2.86 -16.99 -29.71
C THR A 40 -3.40 -16.10 -28.60
N ARG A 41 -2.95 -16.35 -27.38
CA ARG A 41 -3.34 -15.52 -26.23
C ARG A 41 -2.47 -14.27 -26.17
N VAL A 42 -3.09 -13.12 -26.39
CA VAL A 42 -2.35 -11.86 -26.47
C VAL A 42 -2.84 -10.82 -25.47
N ALA A 43 -2.15 -9.69 -25.45
CA ALA A 43 -2.54 -8.55 -24.62
C ALA A 43 -2.48 -7.28 -25.46
N ILE A 44 -3.55 -6.49 -25.42
CA ILE A 44 -3.66 -5.33 -26.30
C ILE A 44 -3.66 -4.01 -25.54
N LYS A 45 -2.54 -3.29 -25.62
CA LYS A 45 -2.45 -1.97 -25.00
C LYS A 45 -3.03 -0.90 -25.92
N THR A 46 -4.12 -0.28 -25.50
CA THR A 46 -4.78 0.74 -26.29
C THR A 46 -4.54 2.14 -25.72
N ALA A 61 8.87 4.95 -33.11
CA ALA A 61 8.94 3.93 -32.06
C ALA A 61 7.93 2.80 -32.30
N GLN A 62 8.28 1.73 -33.03
CA GLN A 62 9.59 1.42 -33.64
C GLN A 62 10.77 1.39 -32.66
N VAL A 63 10.48 1.08 -31.40
CA VAL A 63 11.52 0.85 -30.41
C VAL A 63 11.26 -0.50 -29.75
N MET A 64 9.98 -0.88 -29.69
CA MET A 64 9.59 -2.19 -29.17
C MET A 64 9.69 -3.22 -30.29
N LYS A 65 9.84 -2.72 -31.51
CA LYS A 65 9.97 -3.57 -32.69
C LYS A 65 11.41 -4.07 -32.86
N LYS A 66 12.36 -3.16 -32.70
CA LYS A 66 13.78 -3.49 -32.84
C LYS A 66 14.26 -4.37 -31.69
N LEU A 67 13.93 -3.95 -30.47
CA LEU A 67 14.30 -4.70 -29.28
C LEU A 67 13.60 -6.06 -29.24
N ARG A 68 14.39 -7.12 -29.12
CA ARG A 68 13.84 -8.48 -29.11
C ARG A 68 14.65 -9.38 -28.19
N HIS A 69 14.11 -9.65 -27.00
CA HIS A 69 14.81 -10.43 -25.99
C HIS A 69 13.81 -11.23 -25.16
N GLU A 70 14.27 -12.36 -24.61
CA GLU A 70 13.39 -13.23 -23.84
C GLU A 70 12.93 -12.59 -22.53
N LYS A 71 13.69 -11.61 -22.06
CA LYS A 71 13.35 -10.93 -20.81
C LYS A 71 12.69 -9.58 -21.08
N LEU A 72 12.34 -9.34 -22.34
CA LEU A 72 11.54 -8.19 -22.71
C LEU A 72 10.20 -8.68 -23.26
N VAL A 73 9.12 -8.04 -22.83
CA VAL A 73 7.78 -8.41 -23.31
C VAL A 73 7.70 -8.25 -24.83
N GLN A 74 7.48 -9.37 -25.51
CA GLN A 74 7.53 -9.41 -26.97
C GLN A 74 6.33 -8.71 -27.62
N LEU A 75 6.62 -7.89 -28.62
CA LEU A 75 5.58 -7.25 -29.42
C LEU A 75 5.12 -8.19 -30.53
N TYR A 76 3.82 -8.44 -30.60
CA TYR A 76 3.27 -9.34 -31.61
C TYR A 76 2.84 -8.59 -32.86
N ALA A 77 2.12 -7.49 -32.67
CA ALA A 77 1.60 -6.72 -33.80
C ALA A 77 1.27 -5.28 -33.40
N VAL A 78 1.10 -4.42 -34.41
CA VAL A 78 0.81 -3.00 -34.17
C VAL A 78 -0.27 -2.50 -35.12
N VAL A 79 -1.20 -1.69 -34.60
CA VAL A 79 -2.19 -1.01 -35.43
C VAL A 79 -1.87 0.48 -35.49
N SER A 80 -1.88 1.05 -36.69
CA SER A 80 -1.46 2.44 -36.88
C SER A 80 -2.65 3.39 -37.08
N GLU A 81 -3.85 2.83 -37.25
CA GLU A 81 -5.05 3.64 -37.42
C GLU A 81 -5.70 3.92 -36.07
N GLU A 82 -6.34 5.09 -35.95
CA GLU A 82 -6.98 5.49 -34.70
C GLU A 82 -8.15 4.58 -34.34
N PRO A 83 -8.16 4.06 -33.10
CA PRO A 83 -7.14 4.30 -32.07
C PRO A 83 -5.95 3.35 -32.19
N ILE A 84 -4.76 3.84 -31.85
CA ILE A 84 -3.53 3.06 -32.00
C ILE A 84 -3.46 1.90 -31.01
N TYR A 85 -3.42 0.68 -31.54
CA TYR A 85 -3.33 -0.53 -30.70
C TYR A 85 -1.89 -1.02 -30.59
N ILE A 86 -1.62 -1.77 -29.53
CA ILE A 86 -0.33 -2.43 -29.34
C ILE A 86 -0.54 -3.87 -28.89
N VAL A 87 -0.26 -4.81 -29.78
CA VAL A 87 -0.47 -6.23 -29.49
C VAL A 87 0.82 -6.89 -29.03
N THR A 88 0.84 -7.33 -27.76
CA THR A 88 2.03 -7.97 -27.20
C THR A 88 1.68 -9.34 -26.62
N GLU A 89 2.69 -10.04 -26.15
CA GLU A 89 2.49 -11.35 -25.52
C GLU A 89 1.77 -11.18 -24.18
N TYR A 90 1.20 -12.26 -23.67
CA TYR A 90 0.43 -12.20 -22.44
C TYR A 90 1.19 -12.77 -21.24
N MET A 91 1.25 -11.97 -20.17
CA MET A 91 1.84 -12.40 -18.92
C MET A 91 0.72 -12.67 -17.90
N SER A 92 0.72 -13.88 -17.36
CA SER A 92 -0.42 -14.35 -16.55
C SER A 92 -0.48 -13.76 -15.14
N LYS A 93 0.67 -13.54 -14.53
CA LYS A 93 0.72 -13.10 -13.13
C LYS A 93 0.66 -11.58 -12.99
N GLY A 94 0.55 -10.88 -14.12
CA GLY A 94 0.38 -9.44 -14.12
C GLY A 94 1.61 -8.64 -13.75
N SER A 95 1.39 -7.49 -13.12
CA SER A 95 2.46 -6.59 -12.72
C SER A 95 3.31 -7.17 -11.60
N LEU A 96 4.58 -6.76 -11.55
CA LEU A 96 5.49 -7.20 -10.49
C LEU A 96 5.13 -6.50 -9.18
N LEU A 97 4.63 -5.29 -9.27
CA LEU A 97 4.23 -4.53 -8.09
C LEU A 97 3.01 -5.15 -7.43
N ASP A 98 2.04 -5.56 -8.24
CA ASP A 98 0.84 -6.22 -7.72
C ASP A 98 1.17 -7.61 -7.19
N PHE A 99 2.12 -8.26 -7.84
CA PHE A 99 2.52 -9.62 -7.50
C PHE A 99 3.20 -9.70 -6.14
N LEU A 100 3.96 -8.65 -5.80
CA LEU A 100 4.64 -8.57 -4.51
C LEU A 100 3.69 -8.17 -3.40
N LYS A 101 2.78 -7.25 -3.71
CA LYS A 101 1.78 -6.78 -2.76
C LYS A 101 0.67 -7.81 -2.57
N GLY A 102 0.48 -8.65 -3.58
CA GLY A 102 -0.58 -9.65 -3.57
C GLY A 102 -0.37 -10.79 -2.59
N GLU A 103 -1.27 -11.77 -2.63
CA GLU A 103 -1.24 -12.88 -1.67
C GLU A 103 -0.07 -13.81 -1.92
N THR A 104 0.39 -13.86 -3.16
CA THR A 104 1.51 -14.72 -3.53
C THR A 104 2.83 -14.17 -3.01
N GLY A 105 2.92 -12.84 -2.95
CA GLY A 105 4.16 -12.17 -2.60
C GLY A 105 4.65 -12.33 -1.17
N LYS A 106 3.79 -12.78 -0.27
CA LYS A 106 4.17 -12.90 1.13
C LYS A 106 4.97 -14.16 1.42
N TYR A 107 4.97 -15.10 0.47
CA TYR A 107 5.74 -16.32 0.63
C TYR A 107 7.04 -16.24 -0.16
N LEU A 108 7.21 -15.15 -0.89
CA LEU A 108 8.43 -14.91 -1.65
C LEU A 108 9.61 -14.67 -0.72
N ARG A 109 10.61 -15.53 -0.82
CA ARG A 109 11.83 -15.39 -0.03
C ARG A 109 12.94 -14.84 -0.92
N LEU A 110 14.09 -14.54 -0.32
CA LEU A 110 15.21 -13.93 -1.04
C LEU A 110 15.71 -14.72 -2.26
N PRO A 111 15.82 -16.06 -2.17
CA PRO A 111 16.27 -16.80 -3.36
C PRO A 111 15.43 -16.54 -4.62
N GLN A 112 14.11 -16.45 -4.49
CA GLN A 112 13.27 -16.16 -5.64
C GLN A 112 13.38 -14.69 -6.04
N LEU A 113 13.56 -13.83 -5.05
CA LEU A 113 13.63 -12.38 -5.27
C LEU A 113 14.89 -11.97 -6.03
N VAL A 114 16.02 -12.56 -5.65
CA VAL A 114 17.28 -12.29 -6.35
C VAL A 114 17.22 -12.87 -7.75
N ASP A 115 16.50 -13.98 -7.90
CA ASP A 115 16.34 -14.63 -9.19
C ASP A 115 15.53 -13.75 -10.14
N MET A 116 14.50 -13.10 -9.62
CA MET A 116 13.67 -12.21 -10.42
C MET A 116 14.44 -10.94 -10.78
N ALA A 117 15.23 -10.44 -9.84
CA ALA A 117 16.10 -9.29 -10.10
C ALA A 117 17.10 -9.62 -11.20
N ALA A 118 17.62 -10.85 -11.17
CA ALA A 118 18.57 -11.31 -12.17
C ALA A 118 17.95 -11.39 -13.57
N GLN A 119 16.67 -11.77 -13.62
CA GLN A 119 15.96 -11.84 -14.90
C GLN A 119 15.75 -10.46 -15.48
N ILE A 120 15.44 -9.49 -14.62
CA ILE A 120 15.25 -8.11 -15.05
C ILE A 120 16.58 -7.54 -15.52
N ALA A 121 17.64 -7.79 -14.74
CA ALA A 121 18.97 -7.33 -15.08
C ALA A 121 19.49 -7.99 -16.33
N SER A 122 18.89 -9.12 -16.70
CA SER A 122 19.26 -9.80 -17.94
C SER A 122 18.73 -9.07 -19.15
N GLY A 123 17.45 -8.70 -19.10
CA GLY A 123 16.83 -7.95 -20.17
C GLY A 123 17.43 -6.56 -20.32
N MET A 124 17.73 -5.93 -19.19
CA MET A 124 18.32 -4.59 -19.19
C MET A 124 19.76 -4.63 -19.73
N ALA A 125 20.44 -5.75 -19.53
CA ALA A 125 21.79 -5.92 -20.07
C ALA A 125 21.70 -5.99 -21.60
N TYR A 126 20.63 -6.60 -22.10
CA TYR A 126 20.35 -6.63 -23.52
C TYR A 126 20.08 -5.22 -24.02
N VAL A 127 19.21 -4.50 -23.31
CA VAL A 127 18.92 -3.10 -23.61
C VAL A 127 20.20 -2.27 -23.56
N GLU A 128 21.07 -2.61 -22.61
CA GLU A 128 22.33 -1.90 -22.43
C GLU A 128 23.25 -2.03 -23.64
N ARG A 129 23.49 -3.26 -24.07
CA ARG A 129 24.38 -3.50 -25.21
C ARG A 129 23.74 -3.10 -26.54
N MET A 130 22.42 -2.89 -26.51
CA MET A 130 21.71 -2.40 -27.68
C MET A 130 21.78 -0.88 -27.73
N ASN A 131 22.40 -0.30 -26.71
CA ASN A 131 22.52 1.15 -26.57
C ASN A 131 21.17 1.85 -26.54
N TYR A 132 20.26 1.34 -25.70
CA TYR A 132 18.97 1.97 -25.49
C TYR A 132 18.78 2.37 -24.04
N VAL A 133 17.79 3.21 -23.77
CA VAL A 133 17.47 3.61 -22.41
C VAL A 133 15.99 3.37 -22.14
N HIS A 134 15.66 2.86 -20.95
CA HIS A 134 14.29 2.56 -20.60
C HIS A 134 13.56 3.78 -20.05
N ARG A 135 14.27 4.55 -19.22
CA ARG A 135 13.77 5.80 -18.64
C ARG A 135 12.62 5.64 -17.66
N ASP A 136 12.20 4.40 -17.42
CA ASP A 136 11.14 4.14 -16.44
C ASP A 136 11.21 2.72 -15.93
N LEU A 137 12.35 2.36 -15.35
CA LEU A 137 12.54 1.03 -14.80
C LEU A 137 12.00 0.95 -13.38
N ARG A 138 10.91 0.21 -13.21
CA ARG A 138 10.32 0.00 -11.88
C ARG A 138 9.35 -1.17 -11.90
N ALA A 139 9.01 -1.67 -10.71
CA ALA A 139 8.19 -2.88 -10.57
C ALA A 139 6.83 -2.75 -11.26
N ALA A 140 6.34 -1.51 -11.37
CA ALA A 140 5.07 -1.26 -12.04
C ALA A 140 5.14 -1.62 -13.51
N ASN A 141 6.31 -1.42 -14.11
CA ASN A 141 6.50 -1.67 -15.53
C ASN A 141 7.19 -2.99 -15.81
N ILE A 142 7.07 -3.93 -14.87
CA ILE A 142 7.62 -5.27 -15.05
C ILE A 142 6.54 -6.31 -14.81
N LEU A 143 6.40 -7.22 -15.76
CA LEU A 143 5.31 -8.19 -15.73
C LEU A 143 5.80 -9.59 -15.35
N VAL A 144 4.99 -10.27 -14.53
CA VAL A 144 5.30 -11.63 -14.10
C VAL A 144 4.45 -12.63 -14.88
N GLY A 145 5.05 -13.77 -15.22
CA GLY A 145 4.32 -14.81 -15.91
C GLY A 145 4.34 -16.12 -15.14
N GLU A 146 4.31 -17.24 -15.85
CA GLU A 146 4.40 -18.55 -15.22
C GLU A 146 5.83 -18.84 -14.80
N ASN A 147 5.99 -19.55 -13.69
CA ASN A 147 7.31 -19.95 -13.20
C ASN A 147 8.19 -18.74 -12.85
N LEU A 148 7.57 -17.74 -12.23
CA LEU A 148 8.25 -16.51 -11.82
C LEU A 148 9.04 -15.83 -12.92
N VAL A 149 8.62 -16.00 -14.17
CA VAL A 149 9.28 -15.34 -15.28
C VAL A 149 8.94 -13.85 -15.29
N CYS A 150 9.96 -13.01 -15.20
CA CYS A 150 9.78 -11.57 -15.19
C CYS A 150 10.33 -10.94 -16.46
N LYS A 151 9.53 -10.07 -17.08
CA LYS A 151 9.95 -9.39 -18.30
C LYS A 151 9.74 -7.88 -18.19
N VAL A 152 10.66 -7.12 -18.77
CA VAL A 152 10.55 -5.66 -18.78
C VAL A 152 9.54 -5.23 -19.83
N ALA A 153 8.67 -4.29 -19.48
CA ALA A 153 7.60 -3.87 -20.37
C ALA A 153 7.52 -2.35 -20.52
N ASP A 154 6.60 -1.90 -21.37
CA ASP A 154 6.31 -0.48 -21.59
C ASP A 154 7.53 0.33 -21.99
N PHE A 155 7.80 0.38 -23.28
CA PHE A 155 8.91 1.17 -23.81
C PHE A 155 8.39 2.46 -24.47
N GLY A 156 7.39 3.06 -23.84
CA GLY A 156 6.78 4.27 -24.38
C GLY A 156 7.69 5.49 -24.33
N LEU A 157 8.60 5.50 -23.36
CA LEU A 157 9.54 6.61 -23.21
C LEU A 157 10.95 6.18 -23.61
N ALA A 158 11.08 4.97 -24.14
CA ALA A 158 12.37 4.42 -24.49
C ALA A 158 13.06 5.20 -25.61
N ARG A 159 14.38 5.32 -25.50
CA ARG A 159 15.17 6.02 -26.50
C ARG A 159 16.57 5.42 -26.60
N LEU A 160 17.48 6.14 -27.23
CA LEU A 160 18.85 5.66 -27.40
C LEU A 160 19.82 6.47 -26.56
N PRO A 175 7.68 9.46 -11.05
CA PRO A 175 8.71 8.44 -10.90
C PRO A 175 10.02 9.01 -10.35
N ILE A 176 9.92 10.13 -9.64
CA ILE A 176 11.09 10.82 -9.09
C ILE A 176 11.83 9.92 -8.10
N LYS A 177 11.06 9.17 -7.30
CA LYS A 177 11.63 8.25 -6.32
C LYS A 177 12.38 7.11 -7.00
N TRP A 178 12.06 6.88 -8.27
CA TRP A 178 12.71 5.83 -9.06
C TRP A 178 13.74 6.40 -10.02
N THR A 179 13.62 7.69 -10.34
CA THR A 179 14.47 8.31 -11.36
C THR A 179 15.78 8.82 -10.79
N ALA A 180 16.85 8.67 -11.58
CA ALA A 180 18.16 9.23 -11.22
C ALA A 180 18.09 10.75 -11.20
N PRO A 181 18.70 11.36 -10.16
CA PRO A 181 18.65 12.82 -9.94
C PRO A 181 19.14 13.64 -11.13
N GLU A 182 20.16 13.14 -11.83
CA GLU A 182 20.67 13.85 -13.01
C GLU A 182 19.67 13.82 -14.15
N ALA A 183 18.66 12.96 -14.03
CA ALA A 183 17.61 12.85 -15.04
C ALA A 183 16.34 13.58 -14.60
N ALA A 184 16.10 13.59 -13.30
CA ALA A 184 14.90 14.24 -12.76
C ALA A 184 15.08 15.75 -12.69
N LEU A 185 16.32 16.21 -12.90
CA LEU A 185 16.61 17.63 -12.83
C LEU A 185 17.07 18.17 -14.18
N TYR A 186 18.00 17.46 -14.82
CA TYR A 186 18.66 17.96 -16.02
C TYR A 186 18.24 17.21 -17.29
N GLY A 187 17.52 16.11 -17.11
CA GLY A 187 17.06 15.32 -18.24
C GLY A 187 18.13 14.42 -18.80
N ARG A 188 19.16 14.15 -18.01
CA ARG A 188 20.26 13.28 -18.43
C ARG A 188 19.90 11.81 -18.27
N PHE A 189 19.11 11.29 -19.21
CA PHE A 189 18.72 9.88 -19.18
C PHE A 189 19.72 9.03 -19.96
N THR A 190 20.41 8.15 -19.25
CA THR A 190 21.31 7.18 -19.89
C THR A 190 21.02 5.79 -19.33
N ILE A 191 21.79 4.81 -19.78
CA ILE A 191 21.65 3.45 -19.26
C ILE A 191 22.08 3.43 -17.79
N LYS A 192 22.91 4.40 -17.42
CA LYS A 192 23.40 4.53 -16.04
C LYS A 192 22.37 5.24 -15.17
N SER A 193 21.32 5.78 -15.80
CA SER A 193 20.20 6.33 -15.06
C SER A 193 19.16 5.23 -14.85
N ASP A 194 19.25 4.18 -15.66
CA ASP A 194 18.42 3.01 -15.50
C ASP A 194 18.96 2.11 -14.39
N VAL A 195 20.28 2.19 -14.17
CA VAL A 195 20.93 1.43 -13.11
C VAL A 195 20.47 1.96 -11.75
N TRP A 196 20.32 3.28 -11.66
CA TRP A 196 19.79 3.91 -10.45
C TRP A 196 18.41 3.35 -10.11
N SER A 197 17.55 3.30 -11.12
CA SER A 197 16.20 2.79 -10.96
C SER A 197 16.21 1.32 -10.58
N PHE A 198 17.18 0.59 -11.10
CA PHE A 198 17.35 -0.82 -10.75
C PHE A 198 17.70 -0.92 -9.27
N GLY A 199 18.52 0.01 -8.79
CA GLY A 199 18.86 0.08 -7.39
C GLY A 199 17.63 0.31 -6.54
N ILE A 200 16.74 1.17 -7.01
CA ILE A 200 15.47 1.42 -6.36
C ILE A 200 14.57 0.19 -6.44
N LEU A 201 14.60 -0.46 -7.60
CA LEU A 201 13.82 -1.67 -7.84
C LEU A 201 14.13 -2.75 -6.81
N LEU A 202 15.40 -2.85 -6.43
CA LEU A 202 15.85 -3.86 -5.47
C LEU A 202 15.22 -3.66 -4.10
N THR A 203 14.81 -2.43 -3.79
CA THR A 203 14.14 -2.17 -2.52
C THR A 203 12.71 -2.65 -2.57
N GLU A 204 12.08 -2.50 -3.73
CA GLU A 204 10.70 -2.94 -3.92
C GLU A 204 10.58 -4.46 -3.78
N LEU A 205 11.59 -5.18 -4.28
CA LEU A 205 11.61 -6.63 -4.20
C LEU A 205 11.86 -7.12 -2.78
N THR A 206 12.74 -6.43 -2.06
CA THR A 206 13.13 -6.84 -0.71
C THR A 206 12.19 -6.27 0.35
N THR A 207 11.14 -5.58 -0.08
CA THR A 207 10.12 -5.05 0.82
C THR A 207 8.74 -5.45 0.34
N LYS A 208 8.71 -6.29 -0.70
CA LYS A 208 7.47 -6.79 -1.29
C LYS A 208 6.59 -5.66 -1.82
N GLY A 209 7.20 -4.73 -2.55
CA GLY A 209 6.45 -3.71 -3.26
C GLY A 209 6.13 -2.45 -2.47
N ARG A 210 6.85 -2.22 -1.39
CA ARG A 210 6.65 -1.01 -0.60
C ARG A 210 7.28 0.21 -1.27
N VAL A 211 6.55 1.31 -1.30
CA VAL A 211 7.01 2.55 -1.91
C VAL A 211 8.33 3.02 -1.33
N PRO A 212 9.30 3.32 -2.20
CA PRO A 212 10.62 3.84 -1.82
C PRO A 212 10.52 5.13 -1.01
N TYR A 213 11.46 5.32 -0.09
CA TYR A 213 11.50 6.49 0.79
C TYR A 213 10.17 6.71 1.51
N PRO A 214 9.81 5.80 2.43
CA PRO A 214 8.52 5.89 3.13
C PRO A 214 8.38 7.17 3.97
N GLY A 215 7.25 7.84 3.82
CA GLY A 215 6.96 9.04 4.59
C GLY A 215 7.47 10.31 3.94
N MET A 216 8.22 10.16 2.84
CA MET A 216 8.79 11.30 2.15
C MET A 216 8.06 11.61 0.84
N VAL A 217 8.01 12.89 0.49
CA VAL A 217 7.39 13.31 -0.76
C VAL A 217 8.47 13.58 -1.81
N ASN A 218 8.05 13.84 -3.04
CA ASN A 218 8.97 14.01 -4.17
C ASN A 218 10.03 15.08 -3.95
N ARG A 219 9.61 16.28 -3.55
CA ARG A 219 10.56 17.36 -3.33
C ARG A 219 11.43 17.08 -2.11
N GLU A 220 10.92 16.23 -1.21
CA GLU A 220 11.68 15.83 -0.04
C GLU A 220 12.75 14.80 -0.41
N VAL A 221 12.45 13.98 -1.41
CA VAL A 221 13.40 13.00 -1.91
C VAL A 221 14.52 13.69 -2.70
N LEU A 222 14.12 14.62 -3.55
CA LEU A 222 15.06 15.37 -4.39
C LEU A 222 16.09 16.11 -3.54
N ASP A 223 15.64 16.63 -2.40
CA ASP A 223 16.53 17.35 -1.49
C ASP A 223 17.46 16.42 -0.74
N GLN A 224 16.93 15.29 -0.26
CA GLN A 224 17.71 14.34 0.54
C GLN A 224 18.77 13.62 -0.29
N VAL A 225 18.39 13.21 -1.50
CA VAL A 225 19.30 12.47 -2.38
C VAL A 225 20.53 13.30 -2.77
N GLU A 226 20.31 14.56 -3.10
CA GLU A 226 21.39 15.46 -3.47
C GLU A 226 22.33 15.72 -2.29
N ARG A 227 21.80 15.57 -1.08
CA ARG A 227 22.58 15.77 0.13
C ARG A 227 23.35 14.52 0.52
N GLY A 228 23.05 13.41 -0.16
CA GLY A 228 23.77 12.17 0.06
C GLY A 228 22.96 11.07 0.71
N TYR A 229 21.72 11.37 1.09
CA TYR A 229 20.88 10.39 1.77
C TYR A 229 20.53 9.20 0.88
N ARG A 230 20.85 8.00 1.36
CA ARG A 230 20.49 6.77 0.68
C ARG A 230 19.62 5.90 1.59
N MET A 231 18.68 5.17 0.99
CA MET A 231 17.81 4.28 1.75
C MET A 231 18.60 3.21 2.48
N PRO A 232 18.33 3.04 3.78
CA PRO A 232 19.08 2.10 4.63
C PRO A 232 18.82 0.65 4.23
N CYS A 233 19.62 -0.26 4.76
CA CYS A 233 19.46 -1.67 4.46
C CYS A 233 18.11 -2.17 4.98
N PRO A 234 17.26 -2.64 4.05
CA PRO A 234 15.93 -3.17 4.39
C PRO A 234 16.02 -4.30 5.41
N PRO A 235 15.00 -4.44 6.26
CA PRO A 235 14.96 -5.50 7.27
C PRO A 235 15.17 -6.89 6.67
N GLU A 236 16.01 -7.69 7.33
CA GLU A 236 16.32 -9.07 6.91
C GLU A 236 16.96 -9.16 5.53
N CYS A 237 17.48 -8.04 5.02
CA CYS A 237 18.17 -8.05 3.75
C CYS A 237 19.68 -8.05 3.94
N PRO A 238 20.39 -8.90 3.20
CA PRO A 238 21.85 -8.98 3.28
C PRO A 238 22.52 -7.67 2.88
N GLU A 239 23.60 -7.32 3.56
CA GLU A 239 24.33 -6.07 3.27
C GLU A 239 25.01 -6.11 1.92
N SER A 240 25.37 -7.31 1.46
CA SER A 240 25.97 -7.47 0.15
C SER A 240 25.00 -7.02 -0.93
N LEU A 241 23.71 -7.25 -0.69
CA LEU A 241 22.66 -6.82 -1.61
C LEU A 241 22.43 -5.32 -1.47
N HIS A 242 22.54 -4.81 -0.24
CA HIS A 242 22.36 -3.40 0.01
C HIS A 242 23.55 -2.58 -0.50
N ASP A 243 24.74 -3.18 -0.45
CA ASP A 243 25.93 -2.56 -1.03
C ASP A 243 25.73 -2.38 -2.53
N LEU A 244 25.16 -3.40 -3.17
CA LEU A 244 24.87 -3.35 -4.61
C LEU A 244 23.88 -2.22 -4.93
N MET A 245 22.99 -1.94 -3.98
CA MET A 245 22.05 -0.84 -4.14
C MET A 245 22.78 0.50 -4.15
N CYS A 246 23.63 0.71 -3.14
CA CYS A 246 24.39 1.94 -3.00
C CYS A 246 25.33 2.15 -4.19
N GLN A 247 25.79 1.06 -4.79
CA GLN A 247 26.59 1.13 -6.00
C GLN A 247 25.75 1.63 -7.16
N CYS A 248 24.48 1.24 -7.18
CA CYS A 248 23.54 1.73 -8.18
C CYS A 248 23.08 3.13 -7.83
N TRP A 249 23.28 3.52 -6.58
CA TRP A 249 22.91 4.86 -6.12
C TRP A 249 24.14 5.73 -5.91
N ARG A 250 24.91 5.95 -6.96
CA ARG A 250 26.10 6.77 -6.88
C ARG A 250 25.86 8.17 -7.45
N LYS A 251 26.48 9.17 -6.84
CA LYS A 251 26.44 10.54 -7.33
C LYS A 251 26.94 10.59 -8.76
N GLU A 252 28.01 9.86 -9.04
CA GLU A 252 28.60 9.82 -10.37
C GLU A 252 28.02 8.70 -11.21
N PRO A 253 27.26 9.06 -12.25
CA PRO A 253 26.59 8.12 -13.16
C PRO A 253 27.53 7.07 -13.74
N GLU A 254 28.71 7.49 -14.16
CA GLU A 254 29.66 6.58 -14.81
C GLU A 254 30.36 5.66 -13.81
N GLU A 255 30.10 5.87 -12.52
CA GLU A 255 30.65 5.00 -11.48
C GLU A 255 29.69 3.87 -11.13
N ARG A 256 28.43 4.03 -11.51
CA ARG A 256 27.44 2.98 -11.35
C ARG A 256 27.78 1.80 -12.25
N PRO A 257 27.68 0.57 -11.70
CA PRO A 257 28.03 -0.65 -12.45
C PRO A 257 27.06 -0.94 -13.58
N THR A 258 27.56 -1.58 -14.63
CA THR A 258 26.73 -1.95 -15.77
C THR A 258 25.74 -3.06 -15.41
N PHE A 259 24.75 -3.27 -16.26
CA PHE A 259 23.76 -4.31 -16.03
C PHE A 259 24.36 -5.69 -16.28
N GLU A 260 25.43 -5.75 -17.06
CA GLU A 260 26.14 -7.01 -17.28
C GLU A 260 26.74 -7.48 -15.96
N TYR A 261 27.27 -6.54 -15.19
CA TYR A 261 27.77 -6.85 -13.85
C TYR A 261 26.61 -7.20 -12.93
N LEU A 262 25.57 -6.37 -12.96
CA LEU A 262 24.39 -6.57 -12.12
C LEU A 262 23.77 -7.95 -12.34
N GLN A 263 23.71 -8.37 -13.60
CA GLN A 263 23.18 -9.68 -13.94
C GLN A 263 24.05 -10.79 -13.37
N ALA A 264 25.36 -10.68 -13.60
CA ALA A 264 26.31 -11.70 -13.15
C ALA A 264 26.39 -11.78 -11.63
N PHE A 265 26.26 -10.63 -10.96
CA PHE A 265 26.36 -10.59 -9.52
C PHE A 265 25.18 -11.28 -8.84
N LEU A 266 24.00 -11.09 -9.41
CA LEU A 266 22.77 -11.63 -8.83
C LEU A 266 22.55 -13.10 -9.19
N GLU A 267 23.02 -13.50 -10.36
CA GLU A 267 22.88 -14.88 -10.80
C GLU A 267 23.79 -15.81 -10.00
N ASP A 268 24.99 -15.33 -9.68
CA ASP A 268 25.95 -16.11 -8.91
C ASP A 268 25.90 -15.74 -7.43
N TYR A 269 24.80 -15.14 -7.02
CA TYR A 269 24.71 -14.52 -5.69
C TYR A 269 24.92 -15.49 -4.53
N PHE A 270 24.09 -16.54 -4.47
CA PHE A 270 24.09 -17.43 -3.31
C PHE A 270 25.21 -18.47 -3.34
N THR A 271 26.23 -18.21 -4.15
CA THR A 271 27.41 -19.07 -4.18
C THR A 271 28.68 -18.25 -3.98
N SER A 272 28.79 -17.17 -4.74
CA SER A 272 29.97 -16.32 -4.71
C SER A 272 29.89 -15.24 -3.64
N THR A 273 28.69 -14.71 -3.43
CA THR A 273 28.53 -13.57 -2.55
C THR A 273 27.92 -13.94 -1.19
N GLU A 274 26.82 -14.69 -1.22
CA GLU A 274 26.15 -15.09 0.02
C GLU A 274 25.84 -16.59 0.05
N PRO A 275 26.89 -17.42 0.18
CA PRO A 275 26.68 -18.87 0.25
C PRO A 275 26.29 -19.33 1.65
N GLN A 276 26.41 -18.44 2.62
CA GLN A 276 26.11 -18.75 4.02
C GLN A 276 24.67 -18.36 4.35
N TYR A 277 23.88 -18.09 3.31
CA TYR A 277 22.51 -17.63 3.49
C TYR A 277 21.62 -18.68 4.15
N GLN A 278 20.70 -18.23 4.99
CA GLN A 278 19.68 -19.09 5.58
C GLN A 278 18.37 -18.33 5.75
N PRO A 279 17.23 -19.02 5.55
CA PRO A 279 15.89 -18.41 5.55
C PRO A 279 15.55 -17.68 6.85
N GLY A 280 14.71 -16.65 6.73
CA GLY A 280 14.24 -15.90 7.88
C GLY A 280 12.72 -15.78 7.88
N GLU A 281 12.20 -14.83 8.64
CA GLU A 281 10.76 -14.63 8.75
C GLU A 281 10.15 -14.11 7.45
N ASN A 282 10.82 -13.15 6.82
CA ASN A 282 10.32 -12.54 5.59
C ASN A 282 11.28 -12.75 4.42
N LEU A 283 12.57 -12.59 4.68
CA LEU A 283 13.59 -12.76 3.64
C LEU A 283 14.48 -13.97 3.91
N ASP B 8 -2.13 0.80 41.80
CA ASP B 8 -0.78 0.55 41.32
C ASP B 8 0.06 1.82 41.33
N ALA B 9 0.75 2.08 40.21
CA ALA B 9 1.60 3.25 40.09
C ALA B 9 1.01 4.28 39.13
N TRP B 10 -0.25 4.07 38.76
CA TRP B 10 -0.95 4.99 37.86
C TRP B 10 -1.75 6.03 38.64
N GLU B 11 -1.75 5.90 39.96
CA GLU B 11 -2.55 6.74 40.83
C GLU B 11 -2.04 8.17 40.88
N ILE B 12 -2.96 9.13 40.98
CA ILE B 12 -2.60 10.53 41.16
C ILE B 12 -3.51 11.17 42.22
N PRO B 13 -3.00 12.22 42.89
CA PRO B 13 -3.85 13.00 43.79
C PRO B 13 -5.02 13.60 43.03
N ARG B 14 -6.15 13.80 43.69
CA ARG B 14 -7.33 14.35 43.02
C ARG B 14 -7.12 15.81 42.60
N GLU B 15 -6.11 16.02 41.75
CA GLU B 15 -5.75 17.34 41.25
C GLU B 15 -4.71 17.19 40.14
N SER B 16 -4.90 17.88 39.02
CA SER B 16 -6.03 18.80 38.84
C SER B 16 -7.21 18.09 38.17
N LEU B 19 -10.91 19.13 35.40
CA LEU B 19 -12.23 19.26 34.81
C LEU B 19 -12.57 20.72 34.55
N GLU B 20 -13.01 21.03 33.34
CA GLU B 20 -13.36 22.39 32.96
C GLU B 20 -14.68 22.45 32.21
N VAL B 21 -14.77 21.70 31.11
CA VAL B 21 -15.99 21.66 30.30
C VAL B 21 -16.44 20.22 30.09
N LYS B 22 -17.73 20.02 29.88
CA LYS B 22 -18.29 18.69 29.67
C LYS B 22 -18.38 18.37 28.17
N LEU B 23 -17.50 17.49 27.70
CA LEU B 23 -17.47 17.10 26.29
C LEU B 23 -18.70 16.31 25.89
N GLY B 24 -18.94 15.20 26.59
CA GLY B 24 -20.08 14.36 26.31
C GLY B 24 -20.13 13.13 27.19
N GLY B 29 -20.95 7.73 33.89
CA GLY B 29 -20.45 7.93 32.55
C GLY B 29 -20.48 9.39 32.12
N GLU B 30 -19.30 10.02 32.12
CA GLU B 30 -19.18 11.42 31.72
C GLU B 30 -17.80 11.69 31.14
N VAL B 31 -17.73 12.58 30.15
CA VAL B 31 -16.48 12.92 29.51
C VAL B 31 -16.21 14.42 29.59
N TRP B 32 -15.06 14.78 30.15
CA TRP B 32 -14.72 16.18 30.37
C TRP B 32 -13.35 16.55 29.78
N MET B 33 -13.20 17.81 29.39
CA MET B 33 -11.90 18.37 29.07
C MET B 33 -11.42 19.21 30.25
N GLY B 34 -10.24 18.89 30.77
CA GLY B 34 -9.70 19.61 31.90
C GLY B 34 -8.19 19.72 31.86
N THR B 35 -7.60 20.07 32.99
CA THR B 35 -6.16 20.20 33.11
C THR B 35 -5.62 19.25 34.19
N TRP B 36 -4.41 18.76 33.99
CA TRP B 36 -3.76 17.88 34.96
C TRP B 36 -2.48 18.52 35.46
N ASN B 37 -2.33 18.59 36.78
CA ASN B 37 -1.16 19.21 37.42
C ASN B 37 -0.95 20.66 36.97
N GLY B 38 -2.01 21.27 36.46
CA GLY B 38 -1.98 22.67 36.06
C GLY B 38 -1.28 22.96 34.74
N THR B 39 -0.61 21.97 34.17
CA THR B 39 0.21 22.19 32.98
C THR B 39 -0.29 21.43 31.75
N THR B 40 -0.58 20.14 31.91
CA THR B 40 -0.97 19.30 30.78
C THR B 40 -2.48 19.17 30.61
N ARG B 41 -2.93 19.31 29.35
CA ARG B 41 -4.34 19.18 29.01
C ARG B 41 -4.73 17.73 28.84
N VAL B 42 -5.82 17.33 29.51
CA VAL B 42 -6.23 15.93 29.52
C VAL B 42 -7.71 15.75 29.23
N ALA B 43 -8.14 14.49 29.22
CA ALA B 43 -9.54 14.14 29.04
C ALA B 43 -9.99 13.21 30.18
N ILE B 44 -10.81 13.73 31.08
CA ILE B 44 -11.25 12.98 32.24
C ILE B 44 -12.55 12.23 31.97
N LYS B 45 -12.54 10.92 32.15
CA LYS B 45 -13.74 10.11 31.95
C LYS B 45 -14.26 9.57 33.29
N THR B 46 -15.42 10.04 33.70
CA THR B 46 -16.03 9.64 34.96
C THR B 46 -17.38 8.96 34.73
N LEU B 47 -17.45 7.66 34.99
CA LEU B 47 -16.32 6.90 35.51
C LEU B 47 -15.81 5.88 34.49
N ALA B 61 -9.36 0.47 31.42
CA ALA B 61 -9.31 -0.52 32.49
C ALA B 61 -7.87 -0.95 32.76
N GLN B 62 -7.70 -2.23 33.06
CA GLN B 62 -6.38 -2.79 33.33
C GLN B 62 -5.60 -3.04 32.04
N VAL B 63 -6.29 -2.89 30.91
CA VAL B 63 -5.68 -3.18 29.61
C VAL B 63 -5.03 -1.94 28.99
N MET B 64 -5.49 -0.77 29.38
CA MET B 64 -4.94 0.48 28.84
C MET B 64 -3.59 0.81 29.48
N LYS B 65 -3.21 0.03 30.49
CA LYS B 65 -1.92 0.21 31.15
C LYS B 65 -0.84 -0.55 30.40
N LYS B 66 -1.22 -1.63 29.75
CA LYS B 66 -0.27 -2.47 29.02
C LYS B 66 -0.05 -1.98 27.59
N LEU B 67 -1.11 -1.52 26.96
CA LEU B 67 -1.06 -1.08 25.57
C LEU B 67 -0.48 0.33 25.42
N ARG B 68 0.62 0.43 24.68
CA ARG B 68 1.23 1.73 24.36
C ARG B 68 1.52 1.83 22.88
N HIS B 69 0.86 2.79 22.21
CA HIS B 69 1.07 2.99 20.79
C HIS B 69 0.64 4.41 20.39
N GLU B 70 1.36 4.99 19.43
CA GLU B 70 1.12 6.37 19.03
C GLU B 70 -0.22 6.55 18.32
N LYS B 71 -0.86 5.45 17.95
CA LYS B 71 -2.15 5.50 17.27
C LYS B 71 -3.26 4.93 18.14
N LEU B 72 -2.96 4.75 19.43
CA LEU B 72 -3.96 4.38 20.42
C LEU B 72 -4.03 5.47 21.47
N VAL B 73 -5.24 5.86 21.85
CA VAL B 73 -5.44 6.90 22.87
C VAL B 73 -4.75 6.48 24.17
N GLN B 74 -3.76 7.27 24.58
CA GLN B 74 -2.91 6.91 25.71
C GLN B 74 -3.52 7.27 27.06
N LEU B 75 -3.48 6.31 27.98
CA LEU B 75 -3.94 6.52 29.35
C LEU B 75 -2.86 7.19 30.20
N TYR B 76 -3.22 8.25 30.89
CA TYR B 76 -2.27 8.99 31.73
C TYR B 76 -2.30 8.55 33.18
N ALA B 77 -3.47 8.61 33.80
CA ALA B 77 -3.59 8.30 35.22
C ALA B 77 -4.96 7.74 35.59
N VAL B 78 -5.07 7.22 36.81
CA VAL B 78 -6.30 6.57 37.27
C VAL B 78 -6.62 6.90 38.74
N VAL B 79 -7.88 7.18 39.01
CA VAL B 79 -8.38 7.27 40.38
C VAL B 79 -9.19 6.01 40.70
N SER B 80 -8.64 5.16 41.57
CA SER B 80 -9.17 3.81 41.75
C SER B 80 -10.41 3.71 42.64
N GLU B 81 -10.56 4.62 43.60
CA GLU B 81 -11.68 4.57 44.53
C GLU B 81 -12.83 5.49 44.09
N GLU B 82 -14.05 5.12 44.46
CA GLU B 82 -15.23 5.90 44.11
C GLU B 82 -15.16 7.30 44.73
N PRO B 83 -15.45 8.34 43.94
CA PRO B 83 -15.81 8.26 42.51
C PRO B 83 -14.62 7.96 41.59
N ILE B 84 -14.79 6.99 40.70
CA ILE B 84 -13.74 6.58 39.78
C ILE B 84 -13.50 7.65 38.72
N TYR B 85 -12.25 7.82 38.31
CA TYR B 85 -11.90 8.80 37.30
C TYR B 85 -10.75 8.31 36.41
N ILE B 86 -10.95 8.41 35.09
CA ILE B 86 -9.94 7.98 34.13
C ILE B 86 -9.36 9.15 33.36
N VAL B 87 -8.04 9.31 33.43
CA VAL B 87 -7.36 10.41 32.77
C VAL B 87 -6.52 9.93 31.58
N THR B 88 -6.95 10.31 30.38
CA THR B 88 -6.21 9.95 29.17
C THR B 88 -5.78 11.21 28.42
N GLU B 89 -5.11 11.03 27.29
CA GLU B 89 -4.70 12.17 26.47
C GLU B 89 -5.92 12.81 25.82
N TYR B 90 -5.79 14.08 25.44
CA TYR B 90 -6.91 14.80 24.87
C TYR B 90 -6.85 14.89 23.35
N MET B 91 -7.97 14.58 22.71
CA MET B 91 -8.13 14.72 21.26
C MET B 91 -9.15 15.82 20.99
N SER B 92 -8.74 16.83 20.23
CA SER B 92 -9.52 18.06 20.11
C SER B 92 -10.73 17.97 19.19
N LYS B 93 -10.67 17.13 18.15
CA LYS B 93 -11.72 17.10 17.14
C LYS B 93 -12.88 16.17 17.50
N GLY B 94 -12.84 15.62 18.70
CA GLY B 94 -13.88 14.70 19.14
C GLY B 94 -13.74 13.34 18.51
N SER B 95 -14.86 12.73 18.15
CA SER B 95 -14.85 11.42 17.51
C SER B 95 -14.67 11.57 16.01
N LEU B 96 -14.31 10.47 15.34
CA LEU B 96 -14.14 10.47 13.90
C LEU B 96 -15.49 10.55 13.21
N LEU B 97 -16.54 10.10 13.90
CA LEU B 97 -17.89 10.10 13.35
C LEU B 97 -18.46 11.51 13.28
N ASP B 98 -18.33 12.26 14.38
CA ASP B 98 -18.79 13.64 14.42
C ASP B 98 -17.98 14.50 13.47
N PHE B 99 -16.70 14.17 13.34
CA PHE B 99 -15.76 14.91 12.52
C PHE B 99 -16.12 14.80 11.03
N LEU B 100 -16.62 13.63 10.64
CA LEU B 100 -17.02 13.40 9.25
C LEU B 100 -18.36 14.06 8.93
N LYS B 101 -19.36 13.79 9.77
CA LYS B 101 -20.68 14.38 9.60
C LYS B 101 -20.64 15.88 9.79
N GLY B 102 -19.68 16.35 10.59
CA GLY B 102 -19.57 17.75 10.94
C GLY B 102 -19.20 18.68 9.81
N GLU B 103 -18.83 19.90 10.19
CA GLU B 103 -18.58 20.97 9.24
C GLU B 103 -17.20 20.86 8.59
N THR B 104 -16.26 20.25 9.31
CA THR B 104 -14.90 20.07 8.80
C THR B 104 -14.86 18.96 7.76
N GLY B 105 -15.61 17.89 8.00
CA GLY B 105 -15.67 16.77 7.08
C GLY B 105 -16.19 17.12 5.70
N LYS B 106 -16.74 18.32 5.58
CA LYS B 106 -17.28 18.82 4.33
C LYS B 106 -16.22 18.88 3.23
N TYR B 107 -15.00 19.24 3.61
CA TYR B 107 -13.93 19.45 2.64
C TYR B 107 -12.97 18.27 2.56
N LEU B 108 -13.28 17.21 3.30
CA LEU B 108 -12.45 16.02 3.29
C LEU B 108 -12.49 15.31 1.94
N ARG B 109 -11.33 15.24 1.29
CA ARG B 109 -11.20 14.50 0.06
C ARG B 109 -10.65 13.12 0.36
N LEU B 110 -10.58 12.26 -0.66
CA LEU B 110 -10.09 10.90 -0.47
C LEU B 110 -8.63 10.80 0.03
N PRO B 111 -7.71 11.64 -0.50
CA PRO B 111 -6.33 11.56 0.00
C PRO B 111 -6.20 11.67 1.52
N GLN B 112 -6.92 12.58 2.14
CA GLN B 112 -6.90 12.69 3.59
C GLN B 112 -7.68 11.55 4.25
N LEU B 113 -8.67 11.03 3.53
CA LEU B 113 -9.52 9.95 4.05
C LEU B 113 -8.80 8.60 4.09
N VAL B 114 -7.99 8.33 3.08
CA VAL B 114 -7.19 7.12 3.05
C VAL B 114 -6.06 7.23 4.07
N ASP B 115 -5.62 8.46 4.31
CA ASP B 115 -4.55 8.72 5.27
C ASP B 115 -5.02 8.42 6.70
N MET B 116 -6.25 8.84 7.01
CA MET B 116 -6.83 8.58 8.32
C MET B 116 -7.06 7.08 8.54
N ALA B 117 -7.46 6.40 7.46
CA ALA B 117 -7.69 4.97 7.51
C ALA B 117 -6.39 4.20 7.71
N ALA B 118 -5.30 4.75 7.18
CA ALA B 118 -3.99 4.14 7.34
C ALA B 118 -3.50 4.27 8.77
N GLN B 119 -3.74 5.42 9.39
CA GLN B 119 -3.32 5.68 10.76
C GLN B 119 -4.04 4.75 11.73
N ILE B 120 -5.33 4.51 11.47
CA ILE B 120 -6.13 3.62 12.30
C ILE B 120 -5.65 2.18 12.17
N ALA B 121 -5.41 1.76 10.93
CA ALA B 121 -4.91 0.43 10.64
C ALA B 121 -3.57 0.20 11.34
N SER B 122 -2.80 1.26 11.50
CA SER B 122 -1.53 1.20 12.22
C SER B 122 -1.77 0.90 13.70
N GLY B 123 -2.78 1.54 14.27
CA GLY B 123 -3.15 1.31 15.65
C GLY B 123 -3.65 -0.10 15.87
N MET B 124 -4.38 -0.62 14.89
CA MET B 124 -4.93 -1.98 14.97
C MET B 124 -3.89 -3.03 14.64
N ALA B 125 -2.86 -2.64 13.88
CA ALA B 125 -1.76 -3.53 13.58
C ALA B 125 -0.94 -3.80 14.84
N TYR B 126 -0.83 -2.77 15.68
CA TYR B 126 -0.20 -2.91 16.98
C TYR B 126 -1.03 -3.84 17.86
N VAL B 127 -2.34 -3.62 17.86
CA VAL B 127 -3.29 -4.48 18.57
C VAL B 127 -3.18 -5.91 18.04
N GLU B 128 -2.94 -6.02 16.73
CA GLU B 128 -2.85 -7.32 16.09
C GLU B 128 -1.61 -8.10 16.53
N ARG B 129 -0.45 -7.44 16.54
CA ARG B 129 0.79 -8.11 16.91
C ARG B 129 0.93 -8.22 18.43
N MET B 130 -0.06 -7.73 19.16
CA MET B 130 -0.09 -7.88 20.61
C MET B 130 -1.12 -8.94 21.00
N ASN B 131 -1.67 -9.62 20.00
CA ASN B 131 -2.65 -10.67 20.20
C ASN B 131 -3.89 -10.21 20.96
N TYR B 132 -4.38 -9.01 20.64
CA TYR B 132 -5.58 -8.47 21.27
C TYR B 132 -6.72 -8.29 20.28
N VAL B 133 -7.93 -8.11 20.81
CA VAL B 133 -9.12 -7.88 20.00
C VAL B 133 -9.84 -6.63 20.50
N HIS B 134 -10.34 -5.81 19.60
CA HIS B 134 -11.00 -4.55 19.98
C HIS B 134 -12.51 -4.72 20.17
N ARG B 135 -13.10 -5.57 19.33
CA ARG B 135 -14.52 -5.94 19.42
C ARG B 135 -15.50 -4.81 19.11
N ASP B 136 -15.01 -3.65 18.73
CA ASP B 136 -15.90 -2.53 18.40
C ASP B 136 -15.20 -1.44 17.60
N LEU B 137 -14.58 -1.84 16.50
CA LEU B 137 -13.88 -0.89 15.65
C LEU B 137 -14.87 -0.12 14.78
N ARG B 138 -15.15 1.12 15.16
CA ARG B 138 -16.02 1.99 14.36
C ARG B 138 -15.70 3.46 14.59
N ALA B 139 -16.23 4.31 13.72
CA ALA B 139 -15.91 5.74 13.72
C ALA B 139 -16.27 6.41 15.05
N ALA B 140 -17.30 5.89 15.72
CA ALA B 140 -17.73 6.43 16.99
C ALA B 140 -16.67 6.20 18.08
N ASN B 141 -15.86 5.17 17.88
CA ASN B 141 -14.83 4.82 18.86
C ASN B 141 -13.43 5.24 18.43
N ILE B 142 -13.36 6.18 17.49
CA ILE B 142 -12.08 6.70 17.02
C ILE B 142 -12.02 8.21 17.15
N LEU B 143 -10.97 8.71 17.79
CA LEU B 143 -10.84 10.13 18.07
C LEU B 143 -9.86 10.82 17.12
N VAL B 144 -10.15 12.08 16.82
CA VAL B 144 -9.31 12.88 15.93
C VAL B 144 -8.73 14.06 16.69
N GLY B 145 -7.48 14.42 16.37
CA GLY B 145 -6.83 15.55 16.99
C GLY B 145 -6.33 16.55 15.96
N GLU B 146 -5.28 17.28 16.31
CA GLU B 146 -4.69 18.25 15.38
C GLU B 146 -3.96 17.53 14.26
N ASN B 147 -3.82 18.20 13.12
CA ASN B 147 -3.12 17.67 11.96
C ASN B 147 -3.71 16.35 11.47
N LEU B 148 -5.03 16.21 11.64
CA LEU B 148 -5.76 15.03 11.19
C LEU B 148 -5.19 13.72 11.71
N VAL B 149 -4.82 13.70 12.99
CA VAL B 149 -4.32 12.48 13.61
C VAL B 149 -5.48 11.68 14.21
N CYS B 150 -5.56 10.41 13.85
CA CYS B 150 -6.64 9.54 14.33
C CYS B 150 -6.10 8.42 15.21
N LYS B 151 -6.76 8.21 16.35
CA LYS B 151 -6.37 7.17 17.29
C LYS B 151 -7.56 6.33 17.73
N VAL B 152 -7.32 5.04 17.94
CA VAL B 152 -8.35 4.12 18.42
C VAL B 152 -8.56 4.32 19.91
N ALA B 153 -9.79 4.15 20.39
CA ALA B 153 -10.11 4.42 21.78
C ALA B 153 -10.99 3.34 22.43
N ASP B 154 -11.48 3.65 23.62
CA ASP B 154 -12.45 2.84 24.36
C ASP B 154 -11.90 1.50 24.86
N PHE B 155 -12.10 0.46 24.06
CA PHE B 155 -11.93 -0.95 24.46
C PHE B 155 -13.02 -1.37 25.45
N PRO B 175 -24.25 -3.34 17.88
CA PRO B 175 -23.64 -2.81 16.65
C PRO B 175 -23.46 -3.90 15.60
N ILE B 176 -24.56 -4.54 15.21
CA ILE B 176 -24.50 -5.67 14.29
C ILE B 176 -24.06 -5.23 12.89
N LYS B 177 -24.31 -3.95 12.56
CA LYS B 177 -23.91 -3.40 11.28
C LYS B 177 -22.38 -3.28 11.15
N TRP B 178 -21.70 -3.22 12.29
CA TRP B 178 -20.25 -3.07 12.31
C TRP B 178 -19.51 -4.36 12.61
N THR B 179 -20.07 -5.18 13.51
CA THR B 179 -19.40 -6.41 13.93
C THR B 179 -19.62 -7.54 12.92
N ALA B 180 -18.66 -8.46 12.87
CA ALA B 180 -18.71 -9.60 11.96
C ALA B 180 -19.83 -10.58 12.35
N PRO B 181 -20.45 -11.22 11.35
CA PRO B 181 -21.55 -12.17 11.58
C PRO B 181 -21.15 -13.35 12.47
N GLU B 182 -19.94 -13.87 12.29
CA GLU B 182 -19.48 -14.99 13.11
C GLU B 182 -19.30 -14.56 14.56
N ALA B 183 -19.15 -13.26 14.77
CA ALA B 183 -19.03 -12.71 16.12
C ALA B 183 -20.39 -12.28 16.64
N ALA B 184 -21.27 -11.89 15.73
CA ALA B 184 -22.60 -11.40 16.10
C ALA B 184 -23.52 -12.55 16.49
N LEU B 185 -23.37 -13.69 15.84
CA LEU B 185 -24.24 -14.83 16.05
C LEU B 185 -23.63 -15.86 16.99
N TYR B 186 -22.37 -16.19 16.77
CA TYR B 186 -21.71 -17.28 17.49
C TYR B 186 -20.79 -16.78 18.59
N GLY B 187 -20.40 -15.50 18.50
CA GLY B 187 -19.56 -14.89 19.51
C GLY B 187 -18.07 -15.07 19.23
N ARG B 188 -17.74 -15.29 17.97
CA ARG B 188 -16.35 -15.50 17.57
C ARG B 188 -15.63 -14.17 17.32
N PHE B 189 -15.20 -13.53 18.40
CA PHE B 189 -14.49 -12.27 18.30
C PHE B 189 -12.97 -12.48 18.21
N THR B 190 -12.42 -12.21 17.03
CA THR B 190 -10.98 -12.30 16.83
C THR B 190 -10.47 -11.02 16.18
N ILE B 191 -9.18 -10.98 15.87
CA ILE B 191 -8.60 -9.82 15.20
C ILE B 191 -9.18 -9.72 13.78
N LYS B 192 -9.56 -10.87 13.23
CA LYS B 192 -10.15 -10.92 11.90
C LYS B 192 -11.62 -10.50 11.93
N SER B 193 -12.17 -10.37 13.13
CA SER B 193 -13.50 -9.83 13.31
C SER B 193 -13.42 -8.31 13.43
N ASP B 194 -12.23 -7.83 13.80
CA ASP B 194 -11.95 -6.40 13.83
C ASP B 194 -11.61 -5.91 12.42
N VAL B 195 -11.18 -6.83 11.57
CA VAL B 195 -10.91 -6.50 10.17
C VAL B 195 -12.22 -6.26 9.44
N TRP B 196 -13.23 -7.05 9.77
CA TRP B 196 -14.57 -6.86 9.21
C TRP B 196 -15.09 -5.46 9.51
N SER B 197 -14.95 -5.04 10.76
CA SER B 197 -15.39 -3.73 11.20
C SER B 197 -14.62 -2.62 10.50
N PHE B 198 -13.35 -2.89 10.22
CA PHE B 198 -12.51 -1.95 9.49
C PHE B 198 -13.04 -1.77 8.08
N GLY B 199 -13.58 -2.85 7.52
CA GLY B 199 -14.20 -2.79 6.21
C GLY B 199 -15.42 -1.89 6.24
N ILE B 200 -16.19 -1.99 7.32
CA ILE B 200 -17.35 -1.14 7.52
C ILE B 200 -16.88 0.30 7.78
N LEU B 201 -15.74 0.42 8.46
CA LEU B 201 -15.17 1.71 8.79
C LEU B 201 -14.80 2.49 7.53
N LEU B 202 -14.39 1.78 6.50
CA LEU B 202 -14.00 2.41 5.24
C LEU B 202 -15.21 3.03 4.53
N THR B 203 -16.40 2.51 4.81
CA THR B 203 -17.61 3.07 4.22
C THR B 203 -17.96 4.40 4.85
N GLU B 204 -17.86 4.47 6.18
CA GLU B 204 -18.16 5.69 6.92
C GLU B 204 -17.26 6.84 6.47
N LEU B 205 -15.98 6.54 6.26
CA LEU B 205 -15.01 7.53 5.79
C LEU B 205 -15.34 8.01 4.38
N THR B 206 -15.69 7.08 3.50
CA THR B 206 -15.94 7.40 2.10
C THR B 206 -17.35 7.93 1.87
N THR B 207 -18.16 8.00 2.92
CA THR B 207 -19.51 8.54 2.82
C THR B 207 -19.78 9.60 3.89
N LYS B 208 -18.70 10.13 4.45
CA LYS B 208 -18.76 11.20 5.44
C LYS B 208 -19.51 10.80 6.70
N GLY B 209 -19.51 9.51 7.02
CA GLY B 209 -20.07 9.03 8.28
C GLY B 209 -21.52 8.59 8.24
N ARG B 210 -22.01 8.23 7.05
CA ARG B 210 -23.37 7.74 6.92
C ARG B 210 -23.49 6.31 7.45
N VAL B 211 -24.60 6.05 8.16
CA VAL B 211 -24.85 4.73 8.73
C VAL B 211 -24.89 3.65 7.65
N PRO B 212 -24.09 2.59 7.83
CA PRO B 212 -23.98 1.48 6.87
C PRO B 212 -25.32 0.82 6.60
N TYR B 213 -25.46 0.25 5.39
CA TYR B 213 -26.69 -0.40 4.95
C TYR B 213 -27.90 0.53 5.12
N PRO B 214 -27.97 1.60 4.31
CA PRO B 214 -29.05 2.59 4.42
C PRO B 214 -30.43 1.98 4.20
N GLY B 215 -31.39 2.36 5.05
CA GLY B 215 -32.75 1.88 4.93
C GLY B 215 -32.91 0.44 5.39
N MET B 216 -31.91 -0.08 6.09
CA MET B 216 -31.94 -1.46 6.57
C MET B 216 -31.78 -1.53 8.08
N VAL B 217 -32.55 -2.42 8.71
CA VAL B 217 -32.47 -2.62 10.15
C VAL B 217 -31.60 -3.83 10.47
N ASN B 218 -31.27 -4.00 11.74
CA ASN B 218 -30.38 -5.08 12.19
C ASN B 218 -30.86 -6.46 11.76
N ARG B 219 -32.17 -6.64 11.61
CA ARG B 219 -32.73 -7.89 11.15
C ARG B 219 -32.48 -8.07 9.66
N GLU B 220 -32.52 -6.97 8.93
CA GLU B 220 -32.26 -6.99 7.49
C GLU B 220 -30.78 -7.26 7.21
N VAL B 221 -29.92 -6.61 7.98
CA VAL B 221 -28.48 -6.74 7.80
C VAL B 221 -28.00 -8.15 8.12
N LEU B 222 -28.50 -8.71 9.21
CA LEU B 222 -28.14 -10.07 9.63
C LEU B 222 -28.44 -11.09 8.54
N ASP B 223 -29.61 -10.95 7.91
CA ASP B 223 -30.07 -11.89 6.90
C ASP B 223 -29.40 -11.67 5.56
N GLN B 224 -29.27 -10.42 5.15
CA GLN B 224 -28.71 -10.08 3.84
C GLN B 224 -27.23 -10.40 3.74
N VAL B 225 -26.46 -9.98 4.74
CA VAL B 225 -25.02 -10.23 4.77
C VAL B 225 -24.73 -11.74 4.78
N GLU B 226 -25.54 -12.48 5.54
CA GLU B 226 -25.39 -13.93 5.60
C GLU B 226 -25.84 -14.56 4.28
N ARG B 227 -26.63 -13.82 3.50
CA ARG B 227 -27.09 -14.29 2.20
C ARG B 227 -26.06 -13.97 1.12
N GLY B 228 -25.02 -13.23 1.50
CA GLY B 228 -23.94 -12.89 0.59
C GLY B 228 -23.91 -11.43 0.18
N TYR B 229 -24.90 -10.67 0.61
CA TYR B 229 -25.01 -9.26 0.25
C TYR B 229 -23.90 -8.40 0.86
N ARG B 230 -23.22 -7.64 0.01
CA ARG B 230 -22.23 -6.67 0.45
C ARG B 230 -22.62 -5.27 0.00
N MET B 231 -22.20 -4.26 0.75
CA MET B 231 -22.46 -2.88 0.37
C MET B 231 -21.80 -2.54 -0.95
N PRO B 232 -22.52 -1.86 -1.84
CA PRO B 232 -21.99 -1.49 -3.15
C PRO B 232 -20.91 -0.44 -3.04
N CYS B 233 -20.23 -0.16 -4.14
CA CYS B 233 -19.20 0.87 -4.16
C CYS B 233 -19.82 2.25 -3.97
N PRO B 234 -19.52 2.90 -2.84
CA PRO B 234 -20.06 4.23 -2.54
C PRO B 234 -19.67 5.27 -3.58
N PRO B 235 -20.52 6.28 -3.80
CA PRO B 235 -20.33 7.35 -4.78
C PRO B 235 -18.92 7.93 -4.80
N GLU B 236 -18.34 8.03 -6.00
CA GLU B 236 -17.02 8.63 -6.21
C GLU B 236 -15.89 7.94 -5.46
N CYS B 237 -16.10 6.70 -5.05
CA CYS B 237 -15.06 5.94 -4.36
C CYS B 237 -14.40 4.96 -5.32
N PRO B 238 -13.06 4.97 -5.38
CA PRO B 238 -12.29 4.07 -6.26
C PRO B 238 -12.60 2.60 -5.98
N GLU B 239 -12.77 1.82 -7.05
CA GLU B 239 -13.13 0.42 -6.93
C GLU B 239 -12.05 -0.41 -6.24
N SER B 240 -10.80 0.05 -6.35
CA SER B 240 -9.69 -0.61 -5.66
C SER B 240 -9.90 -0.56 -4.16
N LEU B 241 -10.39 0.58 -3.67
CA LEU B 241 -10.72 0.73 -2.26
C LEU B 241 -11.92 -0.12 -1.89
N HIS B 242 -12.88 -0.23 -2.81
CA HIS B 242 -14.06 -1.04 -2.57
C HIS B 242 -13.73 -2.53 -2.59
N ASP B 243 -12.73 -2.91 -3.39
CA ASP B 243 -12.27 -4.29 -3.41
C ASP B 243 -11.65 -4.64 -2.06
N LEU B 244 -10.91 -3.69 -1.49
CA LEU B 244 -10.32 -3.87 -0.18
C LEU B 244 -11.40 -4.03 0.89
N MET B 245 -12.54 -3.38 0.67
CA MET B 245 -13.69 -3.50 1.56
C MET B 245 -14.24 -4.92 1.51
N CYS B 246 -14.43 -5.44 0.30
CA CYS B 246 -14.97 -6.77 0.10
C CYS B 246 -14.01 -7.86 0.60
N GLN B 247 -12.72 -7.53 0.63
CA GLN B 247 -11.73 -8.43 1.22
C GLN B 247 -11.95 -8.51 2.72
N CYS B 248 -12.18 -7.36 3.35
CA CYS B 248 -12.44 -7.30 4.78
C CYS B 248 -13.82 -7.87 5.09
N TRP B 249 -14.62 -8.09 4.06
CA TRP B 249 -15.97 -8.63 4.22
C TRP B 249 -16.11 -10.04 3.68
N ARG B 250 -15.03 -10.82 3.80
CA ARG B 250 -15.07 -12.22 3.37
C ARG B 250 -15.82 -13.07 4.38
N LYS B 251 -16.51 -14.10 3.89
CA LYS B 251 -17.30 -14.97 4.75
C LYS B 251 -16.39 -15.72 5.72
N GLU B 252 -15.30 -16.27 5.20
CA GLU B 252 -14.32 -16.97 6.02
C GLU B 252 -13.33 -15.99 6.64
N PRO B 253 -13.34 -15.90 7.98
CA PRO B 253 -12.50 -14.97 8.75
C PRO B 253 -11.00 -15.12 8.47
N GLU B 254 -10.55 -16.32 8.13
CA GLU B 254 -9.13 -16.58 7.93
C GLU B 254 -8.62 -15.97 6.63
N GLU B 255 -9.50 -15.83 5.66
CA GLU B 255 -9.12 -15.29 4.36
C GLU B 255 -9.08 -13.76 4.37
N ARG B 256 -9.66 -13.16 5.40
CA ARG B 256 -9.58 -11.71 5.58
C ARG B 256 -8.14 -11.29 5.85
N PRO B 257 -7.70 -10.20 5.21
CA PRO B 257 -6.33 -9.71 5.34
C PRO B 257 -6.01 -9.13 6.72
N THR B 258 -4.74 -9.13 7.08
CA THR B 258 -4.30 -8.61 8.38
C THR B 258 -4.24 -7.09 8.38
N PHE B 259 -4.07 -6.51 9.57
CA PHE B 259 -3.94 -5.06 9.69
C PHE B 259 -2.55 -4.59 9.29
N GLU B 260 -1.60 -5.52 9.25
CA GLU B 260 -0.26 -5.22 8.74
C GLU B 260 -0.35 -4.96 7.24
N TYR B 261 -1.17 -5.77 6.57
CA TYR B 261 -1.41 -5.61 5.15
C TYR B 261 -2.24 -4.36 4.88
N LEU B 262 -3.33 -4.22 5.63
CA LEU B 262 -4.25 -3.10 5.47
C LEU B 262 -3.55 -1.76 5.60
N GLN B 263 -2.62 -1.67 6.54
CA GLN B 263 -1.86 -0.45 6.76
C GLN B 263 -1.02 -0.11 5.54
N ALA B 264 -0.31 -1.10 5.00
CA ALA B 264 0.58 -0.90 3.86
C ALA B 264 -0.17 -0.54 2.59
N PHE B 265 -1.36 -1.11 2.41
CA PHE B 265 -2.14 -0.87 1.20
C PHE B 265 -2.68 0.55 1.16
N LEU B 266 -3.01 1.10 2.32
CA LEU B 266 -3.58 2.45 2.41
C LEU B 266 -2.49 3.50 2.39
N GLU B 267 -1.31 3.16 2.88
CA GLU B 267 -0.19 4.10 2.93
C GLU B 267 0.43 4.29 1.54
N ASP B 268 0.55 3.20 0.79
CA ASP B 268 1.12 3.26 -0.55
C ASP B 268 0.01 3.35 -1.61
N TYR B 269 -1.16 3.80 -1.20
CA TYR B 269 -2.35 3.73 -2.05
C TYR B 269 -2.27 4.54 -3.33
N PHE B 270 -1.86 5.80 -3.23
CA PHE B 270 -1.88 6.71 -4.38
C PHE B 270 -0.64 6.60 -5.25
N THR B 271 0.29 5.72 -4.89
CA THR B 271 1.46 5.48 -5.72
C THR B 271 1.38 4.10 -6.36
N SER B 272 0.97 3.11 -5.57
CA SER B 272 0.95 1.72 -6.02
C SER B 272 -0.40 1.32 -6.62
N THR B 273 -1.48 1.78 -6.00
CA THR B 273 -2.82 1.30 -6.36
C THR B 273 -3.60 2.27 -7.24
N GLU B 274 -3.62 3.54 -6.88
CA GLU B 274 -4.33 4.55 -7.67
C GLU B 274 -3.44 5.76 -7.97
N PRO B 275 -2.53 5.61 -8.94
CA PRO B 275 -1.60 6.68 -9.29
C PRO B 275 -2.27 7.80 -10.09
N GLN B 276 -3.31 7.45 -10.84
CA GLN B 276 -3.98 8.41 -11.72
C GLN B 276 -5.22 9.01 -11.07
N TYR B 277 -5.17 9.20 -9.76
CA TYR B 277 -6.30 9.77 -9.02
C TYR B 277 -6.47 11.26 -9.31
N GLN B 278 -7.72 11.70 -9.38
CA GLN B 278 -8.02 13.12 -9.58
C GLN B 278 -9.20 13.52 -8.70
N PRO B 279 -9.13 14.73 -8.10
CA PRO B 279 -10.18 15.23 -7.21
C PRO B 279 -11.55 15.30 -7.87
N GLY B 280 -12.59 15.07 -7.09
CA GLY B 280 -13.96 15.17 -7.57
C GLY B 280 -14.76 16.14 -6.72
N GLU B 281 -16.09 16.06 -6.83
CA GLU B 281 -16.96 16.94 -6.06
C GLU B 281 -16.95 16.58 -4.58
N ASN B 282 -17.00 15.28 -4.28
CA ASN B 282 -17.04 14.82 -2.90
C ASN B 282 -15.78 14.05 -2.50
N LEU B 283 -15.33 13.17 -3.39
CA LEU B 283 -14.14 12.36 -3.11
C LEU B 283 -13.02 12.67 -4.09
#